data_8U0N
#
_entry.id   8U0N
#
_cell.length_a   96.820
_cell.length_b   101.064
_cell.length_c   64.804
_cell.angle_alpha   90.000
_cell.angle_beta   90.000
_cell.angle_gamma   90.000
#
_symmetry.space_group_name_H-M   'P 21 21 2'
#
loop_
_entity.id
_entity.type
_entity.pdbx_description
1 polymer 'Isopentenyl phosphate kinase'
2 non-polymer "ADENOSINE-5'-DIPHOSPHATE"
3 non-polymer '2-cyclopentylideneethyl dihydrogen phosphate'
4 water water
#
_entity_poly.entity_id   1
_entity_poly.type   'polypeptide(L)'
_entity_poly.pdbx_seq_one_letter_code
;MGSSHHHHHHSSGLVPAGSHMIIIKLGGSVISDKEKEYSFHRHIVEQIAEEIAQFYPDESFILVHGGGSFGHPNAREYKI
TEGLVGDVDRKRIGFSKTHQAMLKLNDLIIQTFLEKGLPAYSVSSSSIFLLENKEVVYGELEILRKLLELKFIPVLFGDT
AIALDKGIDILSGDQIVSYLAKMLKPSKVIFLMDVDGIYDRNPKERDAKLIEELNVEEIRHLLESSESAGIDVTGGIGNK
LREALKIAKHSEVYFINGKVKENLGKAIRGEKVGTRLRKLEHPKIS
;
_entity_poly.pdbx_strand_id   A,B
#
loop_
_chem_comp.id
_chem_comp.type
_chem_comp.name
_chem_comp.formula
ADP non-polymer ADENOSINE-5'-DIPHOSPHATE 'C10 H15 N5 O10 P2'
U69 non-polymer '2-cyclopentylideneethyl dihydrogen phosphate' 'C7 H13 O4 P'
#
# COMPACT_ATOMS: atom_id res chain seq x y z
N HIS A 20 -9.29 2.24 -24.07
CA HIS A 20 -9.86 3.49 -23.58
C HIS A 20 -9.46 3.73 -22.13
N MET A 21 -8.16 3.70 -21.87
CA MET A 21 -7.59 4.02 -20.56
C MET A 21 -6.21 4.62 -20.79
N ILE A 22 -5.89 5.65 -20.00
CA ILE A 22 -4.66 6.42 -20.18
C ILE A 22 -3.84 6.34 -18.91
N ILE A 23 -2.54 6.03 -19.07
CA ILE A 23 -1.59 5.98 -17.96
C ILE A 23 -0.72 7.22 -18.03
N ILE A 24 -0.79 8.05 -17.00
CA ILE A 24 0.00 9.27 -16.91
C ILE A 24 1.11 9.03 -15.89
N LYS A 25 2.36 9.22 -16.32
CA LYS A 25 3.50 9.14 -15.42
C LYS A 25 3.99 10.56 -15.11
N LEU A 26 4.13 10.85 -13.82
CA LEU A 26 4.52 12.17 -13.35
C LEU A 26 5.99 12.11 -12.96
N GLY A 27 6.85 12.71 -13.78
CA GLY A 27 8.28 12.69 -13.55
C GLY A 27 8.68 13.12 -12.15
N GLY A 28 9.73 12.51 -11.61
CA GLY A 28 10.11 12.80 -10.24
C GLY A 28 10.46 14.26 -10.01
N SER A 29 11.20 14.85 -10.95
CA SER A 29 11.61 16.25 -10.84
C SER A 29 10.56 17.21 -11.35
N VAL A 30 9.34 16.74 -11.59
CA VAL A 30 8.25 17.61 -12.01
C VAL A 30 7.40 17.95 -10.79
N ILE A 31 6.79 16.93 -10.18
CA ILE A 31 5.89 17.15 -9.05
C ILE A 31 6.64 17.72 -7.84
N SER A 32 7.93 17.44 -7.73
CA SER A 32 8.74 17.97 -6.64
C SER A 32 10.16 18.16 -7.14
N ASP A 33 10.71 19.36 -6.90
CA ASP A 33 12.05 19.70 -7.35
C ASP A 33 12.19 19.59 -8.87
N PHE A 40 8.15 20.32 -3.07
CA PHE A 40 6.83 19.99 -3.62
C PHE A 40 6.24 21.18 -4.38
N HIS A 41 5.80 20.93 -5.60
CA HIS A 41 5.21 21.95 -6.47
C HIS A 41 3.71 21.70 -6.53
N ARG A 42 2.99 22.20 -5.52
CA ARG A 42 1.55 21.99 -5.46
C ARG A 42 0.84 22.63 -6.64
N HIS A 43 1.40 23.71 -7.20
CA HIS A 43 0.70 24.41 -8.27
C HIS A 43 0.60 23.56 -9.52
N ILE A 44 1.69 22.88 -9.91
CA ILE A 44 1.61 22.07 -11.12
C ILE A 44 0.79 20.81 -10.88
N VAL A 45 0.75 20.32 -9.63
CA VAL A 45 -0.12 19.19 -9.32
C VAL A 45 -1.59 19.59 -9.44
N GLU A 46 -1.92 20.81 -9.02
CA GLU A 46 -3.25 21.34 -9.26
C GLU A 46 -3.52 21.50 -10.75
N GLN A 47 -2.49 21.84 -11.52
CA GLN A 47 -2.64 21.94 -12.97
C GLN A 47 -2.96 20.60 -13.59
N ILE A 48 -2.24 19.55 -13.18
CA ILE A 48 -2.46 18.21 -13.74
C ILE A 48 -3.83 17.70 -13.32
N ALA A 49 -4.25 18.01 -12.09
CA ALA A 49 -5.58 17.60 -11.64
C ALA A 49 -6.67 18.26 -12.46
N GLU A 50 -6.57 19.58 -12.66
CA GLU A 50 -7.55 20.29 -13.48
C GLU A 50 -7.62 19.72 -14.88
N GLU A 51 -6.45 19.46 -15.50
CA GLU A 51 -6.42 18.87 -16.83
C GLU A 51 -7.12 17.52 -16.85
N ILE A 52 -6.83 16.67 -15.85
CA ILE A 52 -7.45 15.35 -15.79
C ILE A 52 -8.96 15.47 -15.57
N ALA A 53 -9.37 16.37 -14.68
CA ALA A 53 -10.79 16.58 -14.44
C ALA A 53 -11.54 17.01 -15.68
N GLN A 54 -10.84 17.51 -16.70
CA GLN A 54 -11.46 17.84 -17.97
C GLN A 54 -11.89 16.61 -18.75
N PHE A 55 -11.43 15.42 -18.36
CA PHE A 55 -11.77 14.18 -19.03
C PHE A 55 -12.40 13.13 -18.14
N TYR A 56 -12.21 13.23 -16.83
CA TYR A 56 -12.91 12.34 -15.91
C TYR A 56 -14.40 12.70 -15.90
N PRO A 57 -15.30 11.72 -15.83
CA PRO A 57 -15.06 10.27 -15.73
C PRO A 57 -15.18 9.51 -17.04
N ASP A 58 -15.40 10.22 -18.15
CA ASP A 58 -15.50 9.57 -19.45
C ASP A 58 -14.23 8.83 -19.83
N GLU A 59 -13.13 9.10 -19.13
CA GLU A 59 -11.85 8.43 -19.37
C GLU A 59 -11.31 7.95 -18.04
N SER A 60 -10.64 6.79 -18.06
CA SER A 60 -10.08 6.20 -16.86
C SER A 60 -8.56 6.36 -16.85
N PHE A 61 -8.01 6.76 -15.70
CA PHE A 61 -6.62 7.14 -15.59
C PHE A 61 -5.93 6.38 -14.47
N ILE A 62 -4.69 5.97 -14.72
CA ILE A 62 -3.77 5.53 -13.68
C ILE A 62 -2.64 6.55 -13.63
N LEU A 63 -2.28 6.97 -12.42
CA LEU A 63 -1.17 7.90 -12.22
C LEU A 63 -0.02 7.19 -11.53
N VAL A 64 1.19 7.42 -12.04
CA VAL A 64 2.42 6.97 -11.39
C VAL A 64 3.30 8.19 -11.23
N HIS A 65 3.68 8.50 -10.00
CA HIS A 65 4.56 9.63 -9.71
C HIS A 65 5.88 9.13 -9.16
N GLY A 66 6.95 9.81 -9.55
CA GLY A 66 8.26 9.45 -9.06
C GLY A 66 8.60 10.12 -7.74
N GLY A 67 9.64 9.60 -7.09
CA GLY A 67 10.11 10.19 -5.86
C GLY A 67 10.71 11.57 -6.08
N GLY A 68 10.08 12.60 -5.51
CA GLY A 68 10.62 13.94 -5.64
C GLY A 68 11.73 14.19 -4.65
N SER A 69 11.61 15.26 -3.87
CA SER A 69 12.53 15.54 -2.77
C SER A 69 12.22 14.71 -1.53
N PHE A 70 11.80 13.46 -1.71
CA PHE A 70 11.31 12.64 -0.61
C PHE A 70 11.99 11.28 -0.57
N GLY A 71 11.88 10.53 -1.67
CA GLY A 71 12.37 9.16 -1.69
C GLY A 71 13.85 9.02 -2.03
N HIS A 72 14.37 9.95 -2.83
CA HIS A 72 15.78 9.85 -3.22
C HIS A 72 16.73 10.13 -2.06
N PRO A 73 16.56 11.17 -1.24
CA PRO A 73 17.51 11.39 -0.14
C PRO A 73 17.58 10.26 0.88
N ASN A 74 16.62 9.33 0.87
CA ASN A 74 16.67 8.17 1.76
C ASN A 74 17.18 6.91 1.08
N ALA A 75 16.90 6.74 -0.21
CA ALA A 75 17.36 5.56 -0.93
C ALA A 75 18.87 5.57 -1.11
N ARG A 76 19.42 6.68 -1.60
CA ARG A 76 20.87 6.78 -1.77
C ARG A 76 21.59 6.90 -0.44
N GLU A 77 20.92 7.40 0.60
CA GLU A 77 21.54 7.47 1.91
C GLU A 77 21.74 6.07 2.50
N TYR A 78 20.78 5.17 2.28
CA TYR A 78 20.86 3.81 2.78
C TYR A 78 21.31 2.83 1.71
N LYS A 79 21.54 3.29 0.47
CA LYS A 79 22.07 2.47 -0.62
C LYS A 79 21.19 1.24 -0.88
N ILE A 80 19.90 1.50 -1.11
CA ILE A 80 18.94 0.42 -1.34
C ILE A 80 19.27 -0.35 -2.61
N THR A 81 19.80 0.33 -3.63
CA THR A 81 20.07 -0.33 -4.91
C THR A 81 21.19 -1.37 -4.80
N GLU A 82 21.96 -1.37 -3.71
CA GLU A 82 23.00 -2.37 -3.56
C GLU A 82 22.45 -3.73 -3.16
N GLY A 83 21.22 -3.79 -2.65
CA GLY A 83 20.65 -5.02 -2.18
C GLY A 83 20.88 -5.24 -0.71
N LEU A 84 20.45 -6.40 -0.23
CA LEU A 84 20.59 -6.77 1.18
C LEU A 84 21.99 -7.30 1.42
N VAL A 85 22.95 -6.38 1.47
CA VAL A 85 24.36 -6.71 1.63
C VAL A 85 24.98 -5.79 2.66
N GLY A 86 25.99 -6.30 3.36
CA GLY A 86 26.68 -5.53 4.38
C GLY A 86 25.86 -5.37 5.65
N ASP A 87 25.53 -4.13 6.02
CA ASP A 87 24.71 -3.85 7.18
C ASP A 87 23.24 -4.05 6.81
N VAL A 88 22.84 -5.32 6.76
CA VAL A 88 21.47 -5.66 6.33
C VAL A 88 20.45 -5.09 7.30
N ASP A 89 20.79 -4.99 8.58
CA ASP A 89 19.85 -4.41 9.54
C ASP A 89 19.60 -2.94 9.27
N ARG A 90 20.66 -2.18 8.96
CA ARG A 90 20.48 -0.77 8.64
C ARG A 90 19.74 -0.59 7.32
N LYS A 91 19.98 -1.50 6.36
CA LYS A 91 19.31 -1.41 5.07
C LYS A 91 17.81 -1.70 5.21
N ARG A 92 17.45 -2.62 6.10
CA ARG A 92 16.04 -2.90 6.35
C ARG A 92 15.33 -1.69 6.96
N ILE A 93 15.98 -1.02 7.92
CA ILE A 93 15.42 0.20 8.48
C ILE A 93 15.27 1.26 7.41
N GLY A 94 16.34 1.50 6.65
CA GLY A 94 16.28 2.49 5.59
C GLY A 94 15.32 2.12 4.48
N PHE A 95 15.16 0.82 4.21
CA PHE A 95 14.11 0.35 3.33
C PHE A 95 12.75 0.86 3.78
N SER A 96 12.46 0.71 5.08
CA SER A 96 11.18 1.16 5.62
C SER A 96 11.06 2.68 5.63
N LYS A 97 12.12 3.38 6.03
CA LYS A 97 12.09 4.84 6.07
C LYS A 97 11.85 5.43 4.69
N THR A 98 12.42 4.79 3.65
CA THR A 98 12.22 5.28 2.29
C THR A 98 10.76 5.11 1.84
N HIS A 99 10.16 3.96 2.18
CA HIS A 99 8.76 3.73 1.85
C HIS A 99 7.85 4.71 2.57
N GLN A 100 8.15 5.02 3.83
CA GLN A 100 7.33 5.96 4.59
C GLN A 100 7.39 7.36 3.99
N ALA A 101 8.59 7.80 3.57
CA ALA A 101 8.70 9.10 2.93
C ALA A 101 7.95 9.14 1.61
N MET A 102 8.05 8.05 0.82
CA MET A 102 7.27 7.96 -0.41
C MET A 102 5.78 8.05 -0.14
N LEU A 103 5.33 7.41 0.95
CA LEU A 103 3.92 7.50 1.32
C LEU A 103 3.53 8.92 1.71
N LYS A 104 4.45 9.68 2.31
CA LYS A 104 4.15 11.07 2.64
C LYS A 104 4.00 11.91 1.38
N LEU A 105 4.91 11.72 0.40
CA LEU A 105 4.76 12.40 -0.88
C LEU A 105 3.46 11.99 -1.57
N ASN A 106 3.15 10.69 -1.53
CA ASN A 106 1.92 10.20 -2.14
C ASN A 106 0.71 10.87 -1.51
N ASP A 107 0.75 11.13 -0.20
CA ASP A 107 -0.38 11.76 0.47
C ASP A 107 -0.56 13.21 0.00
N LEU A 108 0.55 13.93 -0.21
CA LEU A 108 0.43 15.31 -0.70
C LEU A 108 -0.21 15.34 -2.09
N ILE A 109 0.21 14.44 -2.96
CA ILE A 109 -0.35 14.40 -4.32
C ILE A 109 -1.83 14.03 -4.29
N ILE A 110 -2.18 13.05 -3.46
CA ILE A 110 -3.57 12.58 -3.41
C ILE A 110 -4.47 13.64 -2.77
N GLN A 111 -4.00 14.28 -1.70
CA GLN A 111 -4.79 15.35 -1.09
C GLN A 111 -5.03 16.48 -2.07
N THR A 112 -4.03 16.80 -2.90
CA THR A 112 -4.23 17.80 -3.94
C THR A 112 -5.29 17.35 -4.93
N PHE A 113 -5.24 16.09 -5.36
CA PHE A 113 -6.23 15.59 -6.31
C PHE A 113 -7.62 15.52 -5.68
N LEU A 114 -7.69 15.21 -4.38
CA LEU A 114 -8.99 15.08 -3.72
C LEU A 114 -9.70 16.43 -3.62
N GLU A 115 -8.98 17.49 -3.24
CA GLU A 115 -9.63 18.79 -3.09
C GLU A 115 -10.13 19.31 -4.43
N LYS A 116 -9.55 18.86 -5.54
CA LYS A 116 -10.05 19.20 -6.87
C LYS A 116 -11.25 18.34 -7.27
N GLY A 117 -11.81 17.56 -6.35
CA GLY A 117 -12.98 16.75 -6.63
C GLY A 117 -12.70 15.41 -7.29
N LEU A 118 -11.45 15.10 -7.61
CA LEU A 118 -11.09 13.87 -8.29
C LEU A 118 -10.85 12.76 -7.28
N PRO A 119 -11.38 11.55 -7.52
CA PRO A 119 -11.23 10.44 -6.54
C PRO A 119 -9.93 9.65 -6.72
N ALA A 120 -8.82 10.29 -6.38
CA ALA A 120 -7.54 9.59 -6.39
C ALA A 120 -7.43 8.66 -5.19
N TYR A 121 -6.87 7.47 -5.40
CA TYR A 121 -6.75 6.48 -4.33
C TYR A 121 -5.36 5.85 -4.36
N SER A 122 -4.76 5.72 -3.18
CA SER A 122 -3.39 5.26 -3.07
C SER A 122 -3.29 3.75 -3.22
N VAL A 123 -2.41 3.31 -4.11
CA VAL A 123 -2.01 1.91 -4.20
C VAL A 123 -0.51 1.85 -3.90
N SER A 124 -0.14 1.09 -2.88
CA SER A 124 1.26 0.96 -2.50
C SER A 124 1.97 0.01 -3.46
N SER A 125 2.95 0.54 -4.20
CA SER A 125 3.61 -0.25 -5.22
C SER A 125 4.32 -1.47 -4.63
N SER A 126 4.96 -1.31 -3.47
CA SER A 126 5.66 -2.43 -2.85
C SER A 126 4.72 -3.47 -2.26
N SER A 127 3.41 -3.23 -2.25
CA SER A 127 2.47 -4.23 -1.77
C SER A 127 2.05 -5.22 -2.85
N ILE A 128 2.24 -4.88 -4.13
CA ILE A 128 1.71 -5.68 -5.22
C ILE A 128 2.78 -6.15 -6.20
N PHE A 129 4.00 -5.64 -6.13
CA PHE A 129 5.02 -5.94 -7.12
C PHE A 129 6.24 -6.61 -6.49
N LEU A 130 6.86 -7.50 -7.24
CA LEU A 130 8.15 -8.10 -6.90
C LEU A 130 9.13 -7.88 -8.04
N LEU A 131 10.40 -7.72 -7.70
CA LEU A 131 11.41 -7.30 -8.65
C LEU A 131 12.44 -8.39 -8.91
N GLU A 132 13.04 -8.33 -10.09
CA GLU A 132 14.28 -9.04 -10.40
C GLU A 132 14.93 -8.36 -11.59
N ASN A 133 16.22 -8.04 -11.46
CA ASN A 133 16.96 -7.29 -12.47
C ASN A 133 16.25 -5.98 -12.81
N LYS A 134 15.85 -5.26 -11.77
CA LYS A 134 15.17 -3.96 -11.84
C LYS A 134 13.77 -4.05 -12.45
N GLU A 135 13.35 -5.24 -12.87
CA GLU A 135 12.08 -5.38 -13.57
C GLU A 135 11.06 -6.13 -12.70
N VAL A 136 9.80 -5.77 -12.89
CA VAL A 136 8.70 -6.47 -12.21
C VAL A 136 8.52 -7.83 -12.88
N VAL A 137 8.65 -8.89 -12.09
CA VAL A 137 8.42 -10.25 -12.56
C VAL A 137 7.28 -10.92 -11.80
N TYR A 138 6.57 -10.18 -10.96
CA TYR A 138 5.40 -10.65 -10.26
C TYR A 138 4.55 -9.44 -9.89
N GLY A 139 3.25 -9.52 -10.13
CA GLY A 139 2.38 -8.39 -9.86
C GLY A 139 0.97 -8.83 -9.55
N GLU A 140 0.25 -7.97 -8.84
CA GLU A 140 -1.16 -8.14 -8.55
C GLU A 140 -1.90 -6.94 -9.10
N LEU A 141 -2.86 -7.19 -10.01
CA LEU A 141 -3.54 -6.11 -10.71
C LEU A 141 -5.05 -6.14 -10.59
N GLU A 142 -5.62 -7.06 -9.82
CA GLU A 142 -7.07 -7.13 -9.73
C GLU A 142 -7.64 -5.95 -8.94
N ILE A 143 -6.97 -5.56 -7.85
CA ILE A 143 -7.42 -4.40 -7.09
C ILE A 143 -7.34 -3.14 -7.93
N LEU A 144 -6.27 -3.00 -8.72
CA LEU A 144 -6.19 -1.89 -9.67
C LEU A 144 -7.34 -1.94 -10.66
N ARG A 145 -7.68 -3.14 -11.15
CA ARG A 145 -8.78 -3.27 -12.10
C ARG A 145 -10.10 -2.84 -11.47
N LYS A 146 -10.37 -3.29 -10.24
CA LYS A 146 -11.62 -2.93 -9.58
C LYS A 146 -11.68 -1.43 -9.29
N LEU A 147 -10.54 -0.84 -8.94
CA LEU A 147 -10.50 0.61 -8.71
C LEU A 147 -10.87 1.37 -9.97
N LEU A 148 -10.32 0.96 -11.11
CA LEU A 148 -10.67 1.60 -12.38
C LEU A 148 -12.13 1.32 -12.74
N GLU A 149 -12.62 0.12 -12.42
CA GLU A 149 -13.99 -0.23 -12.75
C GLU A 149 -15.01 0.61 -11.97
N LEU A 150 -14.66 1.01 -10.75
CA LEU A 150 -15.54 1.81 -9.92
C LEU A 150 -15.28 3.30 -10.04
N LYS A 151 -14.59 3.72 -11.11
CA LYS A 151 -14.34 5.13 -11.42
C LYS A 151 -13.45 5.80 -10.38
N PHE A 152 -12.47 5.06 -9.86
CA PHE A 152 -11.40 5.65 -9.07
C PHE A 152 -10.20 5.93 -9.96
N ILE A 153 -9.33 6.82 -9.48
CA ILE A 153 -8.05 7.05 -10.13
C ILE A 153 -6.95 6.51 -9.23
N PRO A 154 -6.46 5.30 -9.47
CA PRO A 154 -5.36 4.80 -8.65
C PRO A 154 -4.08 5.59 -8.90
N VAL A 155 -3.36 5.86 -7.82
CA VAL A 155 -2.10 6.61 -7.86
C VAL A 155 -1.02 5.71 -7.29
N LEU A 156 -0.11 5.26 -8.14
CA LEU A 156 1.07 4.52 -7.72
C LEU A 156 2.28 5.43 -7.69
N PHE A 157 3.38 4.92 -7.14
CA PHE A 157 4.61 5.69 -7.03
C PHE A 157 5.82 4.78 -7.17
N GLY A 158 6.90 5.36 -7.69
CA GLY A 158 8.20 4.74 -7.58
C GLY A 158 8.45 4.45 -6.11
N ASP A 159 9.04 3.30 -5.80
CA ASP A 159 8.99 2.80 -4.45
C ASP A 159 10.17 1.89 -4.19
N THR A 160 10.45 1.69 -2.90
CA THR A 160 11.22 0.54 -2.50
C THR A 160 10.44 -0.72 -2.84
N ALA A 161 11.15 -1.80 -3.12
CA ALA A 161 10.48 -3.04 -3.50
C ALA A 161 11.32 -4.23 -3.08
N ILE A 162 10.65 -5.34 -2.80
CA ILE A 162 11.34 -6.60 -2.56
C ILE A 162 11.85 -7.14 -3.89
N ALA A 163 13.11 -7.56 -3.91
CA ALA A 163 13.75 -8.08 -5.11
C ALA A 163 14.09 -9.55 -4.89
N LEU A 164 13.77 -10.38 -5.87
CA LEU A 164 14.04 -11.81 -5.73
C LEU A 164 15.52 -12.14 -5.81
N ASP A 165 16.33 -11.24 -6.36
CA ASP A 165 17.75 -11.51 -6.54
C ASP A 165 18.61 -10.92 -5.43
N LYS A 166 18.39 -9.65 -5.07
CA LYS A 166 19.21 -8.99 -4.06
C LYS A 166 18.40 -8.55 -2.85
N GLY A 167 17.24 -9.15 -2.61
CA GLY A 167 16.47 -8.87 -1.41
C GLY A 167 15.67 -7.58 -1.47
N ILE A 168 16.36 -6.45 -1.57
CA ILE A 168 15.71 -5.15 -1.67
C ILE A 168 16.27 -4.42 -2.88
N ASP A 169 15.44 -3.56 -3.47
CA ASP A 169 15.84 -2.75 -4.61
C ASP A 169 14.93 -1.53 -4.67
N ILE A 170 15.14 -0.69 -5.67
CA ILE A 170 14.31 0.48 -5.93
C ILE A 170 13.53 0.22 -7.21
N LEU A 171 12.21 0.23 -7.10
CA LEU A 171 11.33 0.02 -8.25
C LEU A 171 11.00 1.38 -8.85
N SER A 172 11.49 1.64 -10.06
CA SER A 172 11.25 2.90 -10.72
C SER A 172 9.83 2.97 -11.28
N GLY A 173 9.29 4.19 -11.32
CA GLY A 173 7.98 4.38 -11.92
C GLY A 173 7.93 4.01 -13.38
N ASP A 174 9.07 4.12 -14.08
CA ASP A 174 9.13 3.69 -15.47
C ASP A 174 8.84 2.20 -15.59
N GLN A 175 9.44 1.39 -14.71
CA GLN A 175 9.18 -0.04 -14.75
C GLN A 175 7.76 -0.37 -14.33
N ILE A 176 7.18 0.39 -13.40
CA ILE A 176 5.77 0.21 -13.05
C ILE A 176 4.90 0.41 -14.28
N VAL A 177 5.11 1.52 -14.99
CA VAL A 177 4.32 1.82 -16.18
C VAL A 177 4.54 0.76 -17.25
N SER A 178 5.77 0.26 -17.36
CA SER A 178 6.06 -0.78 -18.34
C SER A 178 5.25 -2.05 -18.04
N TYR A 179 5.27 -2.50 -16.79
CA TYR A 179 4.48 -3.67 -16.42
C TYR A 179 2.99 -3.42 -16.60
N LEU A 180 2.52 -2.23 -16.21
CA LEU A 180 1.10 -1.92 -16.37
C LEU A 180 0.72 -1.83 -17.83
N ALA A 181 1.67 -1.47 -18.70
CA ALA A 181 1.37 -1.36 -20.13
C ALA A 181 1.16 -2.73 -20.76
N LYS A 182 2.06 -3.68 -20.48
CA LYS A 182 1.94 -5.03 -21.04
C LYS A 182 0.74 -5.77 -20.46
N MET A 183 0.26 -5.35 -19.29
CA MET A 183 -0.79 -6.07 -18.57
C MET A 183 -2.18 -5.50 -18.81
N LEU A 184 -2.34 -4.18 -18.65
CA LEU A 184 -3.64 -3.55 -18.85
C LEU A 184 -3.82 -2.96 -20.25
N LYS A 185 -2.74 -2.86 -21.02
CA LYS A 185 -2.76 -2.39 -22.41
C LYS A 185 -3.54 -1.08 -22.52
N PRO A 186 -3.04 0.01 -21.95
CA PRO A 186 -3.79 1.27 -21.98
C PRO A 186 -3.82 1.87 -23.37
N SER A 187 -4.74 2.81 -23.56
CA SER A 187 -4.87 3.47 -24.85
C SER A 187 -3.64 4.32 -25.17
N LYS A 188 -3.06 4.95 -24.16
CA LYS A 188 -1.81 5.70 -24.35
C LYS A 188 -1.13 5.89 -23.01
N VAL A 189 0.16 6.16 -23.07
CA VAL A 189 0.99 6.42 -21.89
C VAL A 189 1.64 7.78 -22.08
N ILE A 190 1.47 8.66 -21.10
CA ILE A 190 1.90 10.05 -21.20
C ILE A 190 2.92 10.32 -20.11
N PHE A 191 4.17 10.56 -20.51
CA PHE A 191 5.23 10.95 -19.57
C PHE A 191 5.24 12.47 -19.43
N LEU A 192 5.11 12.95 -18.20
CA LEU A 192 5.30 14.36 -17.90
C LEU A 192 6.76 14.56 -17.49
N MET A 193 7.48 15.42 -18.21
CA MET A 193 8.90 15.62 -18.00
C MET A 193 9.21 17.09 -17.75
N ASP A 194 10.47 17.36 -17.41
CA ASP A 194 10.94 18.73 -17.22
C ASP A 194 11.18 19.44 -18.54
N VAL A 195 11.27 18.70 -19.65
CA VAL A 195 11.53 19.26 -20.96
C VAL A 195 10.32 19.02 -21.85
N ASP A 196 10.31 19.67 -23.01
CA ASP A 196 9.19 19.59 -23.93
C ASP A 196 9.04 18.21 -24.56
N GLY A 197 10.04 17.35 -24.43
CA GLY A 197 9.97 16.01 -25.01
C GLY A 197 11.38 15.45 -25.19
N ILE A 198 11.52 14.62 -26.23
CA ILE A 198 12.81 14.03 -26.58
C ILE A 198 13.48 14.91 -27.62
N TYR A 199 14.78 15.16 -27.44
CA TYR A 199 15.54 16.06 -28.31
C TYR A 199 16.57 15.28 -29.12
N ASP A 200 17.21 16.00 -30.06
CA ASP A 200 18.27 15.41 -30.86
C ASP A 200 19.46 15.00 -29.99
N ARG A 201 19.62 15.63 -28.84
CA ARG A 201 20.73 15.37 -27.93
C ARG A 201 20.34 15.96 -26.57
N ASN A 202 21.32 16.09 -25.68
CA ASN A 202 21.10 16.79 -24.43
C ASN A 202 20.53 18.18 -24.71
N PRO A 203 19.36 18.54 -24.17
CA PRO A 203 18.83 19.89 -24.40
C PRO A 203 19.72 21.00 -23.88
N LYS A 204 20.73 20.69 -23.05
CA LYS A 204 21.65 21.71 -22.58
C LYS A 204 22.50 22.27 -23.71
N GLU A 205 22.74 21.47 -24.76
CA GLU A 205 23.51 21.93 -25.89
C GLU A 205 22.76 23.04 -26.62
N ARG A 206 23.51 24.08 -27.01
CA ARG A 206 22.88 25.26 -27.62
C ARG A 206 22.15 24.92 -28.90
N ASP A 207 22.61 23.90 -29.62
CA ASP A 207 21.94 23.43 -30.83
C ASP A 207 21.26 22.11 -30.50
N ALA A 208 19.98 22.18 -30.14
CA ALA A 208 19.20 20.99 -29.79
C ALA A 208 17.77 21.19 -30.24
N LYS A 209 17.24 20.23 -31.00
CA LYS A 209 15.91 20.33 -31.58
C LYS A 209 15.01 19.25 -31.00
N LEU A 210 13.73 19.58 -30.85
CA LEU A 210 12.76 18.66 -30.28
C LEU A 210 12.24 17.70 -31.36
N ILE A 211 12.23 16.41 -31.05
CA ILE A 211 11.70 15.41 -31.96
C ILE A 211 10.20 15.35 -31.79
N GLU A 212 9.47 15.57 -32.90
CA GLU A 212 8.01 15.56 -32.86
C GLU A 212 7.43 14.16 -33.04
N GLU A 213 8.06 13.34 -33.89
CA GLU A 213 7.64 11.96 -34.11
C GLU A 213 8.83 11.05 -33.85
N LEU A 214 8.76 10.27 -32.78
CA LEU A 214 9.83 9.37 -32.40
C LEU A 214 9.63 8.00 -33.05
N ASN A 215 10.73 7.40 -33.49
CA ASN A 215 10.69 6.05 -34.06
C ASN A 215 11.83 5.24 -33.48
N VAL A 216 11.80 3.93 -33.72
CA VAL A 216 12.75 3.02 -33.11
C VAL A 216 14.18 3.30 -33.58
N GLU A 217 14.34 3.70 -34.84
CA GLU A 217 15.67 4.00 -35.35
C GLU A 217 16.31 5.14 -34.58
N GLU A 218 15.56 6.21 -34.33
CA GLU A 218 16.10 7.32 -33.55
C GLU A 218 16.39 6.89 -32.12
N ILE A 219 15.50 6.10 -31.51
CA ILE A 219 15.72 5.65 -30.13
C ILE A 219 17.01 4.86 -30.02
N ARG A 220 17.24 3.94 -30.96
CA ARG A 220 18.49 3.19 -30.97
C ARG A 220 19.68 4.11 -31.24
N HIS A 221 19.49 5.12 -32.08
CA HIS A 221 20.54 6.10 -32.32
C HIS A 221 20.93 6.81 -31.02
N LEU A 222 19.93 7.31 -30.28
CA LEU A 222 20.23 8.03 -29.05
C LEU A 222 20.84 7.13 -27.99
N LEU A 223 20.41 5.86 -27.94
CA LEU A 223 20.85 4.98 -26.86
C LEU A 223 22.30 4.57 -27.01
N GLU A 224 22.83 4.57 -28.23
CA GLU A 224 24.21 4.13 -28.45
C GLU A 224 25.25 5.08 -27.88
N SER A 225 24.82 6.26 -27.40
CA SER A 225 25.75 7.25 -26.87
C SER A 225 25.30 7.75 -25.50
N ILE A 237 15.90 9.85 -19.69
CA ILE A 237 17.23 9.28 -19.87
C ILE A 237 17.14 7.99 -20.68
N GLY A 238 18.21 7.19 -20.64
CA GLY A 238 18.23 5.95 -21.38
C GLY A 238 17.23 4.93 -20.86
N ASN A 239 17.07 4.86 -19.54
CA ASN A 239 16.09 3.94 -18.96
C ASN A 239 14.68 4.24 -19.45
N LYS A 240 14.33 5.53 -19.52
CA LYS A 240 13.00 5.90 -20.01
C LYS A 240 12.83 5.56 -21.47
N LEU A 241 13.89 5.64 -22.27
CA LEU A 241 13.78 5.31 -23.69
C LEU A 241 13.65 3.81 -23.90
N ARG A 242 14.37 3.01 -23.11
CA ARG A 242 14.26 1.56 -23.23
C ARG A 242 12.86 1.08 -22.83
N GLU A 243 12.33 1.60 -21.73
CA GLU A 243 10.98 1.26 -21.32
C GLU A 243 9.96 1.71 -22.36
N ALA A 244 10.17 2.90 -22.94
CA ALA A 244 9.26 3.39 -23.97
C ALA A 244 9.22 2.44 -25.16
N LEU A 245 10.38 1.88 -25.52
CA LEU A 245 10.43 0.89 -26.60
C LEU A 245 9.55 -0.32 -26.27
N LYS A 246 9.65 -0.82 -25.05
CA LYS A 246 8.80 -1.94 -24.63
C LYS A 246 7.34 -1.52 -24.58
N ILE A 247 7.05 -0.32 -24.07
CA ILE A 247 5.67 0.14 -23.93
C ILE A 247 5.04 0.34 -25.30
N ALA A 248 5.80 0.87 -26.27
CA ALA A 248 5.26 1.16 -27.59
C ALA A 248 4.67 -0.07 -28.27
N LYS A 249 5.01 -1.27 -27.81
CA LYS A 249 4.42 -2.48 -28.38
C LYS A 249 2.93 -2.57 -28.08
N HIS A 250 2.48 -1.96 -26.98
CA HIS A 250 1.10 -2.06 -26.55
C HIS A 250 0.35 -0.74 -26.56
N SER A 251 1.04 0.39 -26.41
CA SER A 251 0.37 1.68 -26.26
C SER A 251 1.13 2.75 -27.01
N GLU A 252 0.40 3.80 -27.39
CA GLU A 252 1.01 5.01 -27.94
C GLU A 252 1.59 5.84 -26.81
N VAL A 253 2.80 6.36 -27.03
CA VAL A 253 3.55 7.05 -25.98
C VAL A 253 3.64 8.53 -26.30
N TYR A 254 3.51 9.36 -25.26
CA TYR A 254 3.72 10.79 -25.36
C TYR A 254 4.80 11.22 -24.37
N PHE A 255 5.68 12.11 -24.82
CA PHE A 255 6.63 12.81 -23.97
C PHE A 255 6.31 14.29 -24.07
N ILE A 256 5.84 14.89 -22.97
CA ILE A 256 5.46 16.30 -22.97
C ILE A 256 6.04 16.97 -21.73
N ASN A 257 5.96 18.31 -21.73
CA ASN A 257 6.39 19.11 -20.60
C ASN A 257 5.26 19.19 -19.58
N GLY A 258 5.48 18.66 -18.39
CA GLY A 258 4.47 18.60 -17.36
C GLY A 258 4.23 19.87 -16.58
N LYS A 259 4.96 20.95 -16.88
CA LYS A 259 4.79 22.21 -16.19
C LYS A 259 3.92 23.20 -16.96
N VAL A 260 3.47 22.82 -18.15
CA VAL A 260 2.56 23.62 -18.97
C VAL A 260 1.23 22.88 -19.03
N LYS A 261 0.17 23.51 -18.50
CA LYS A 261 -1.06 22.80 -18.21
C LYS A 261 -1.66 22.18 -19.47
N GLU A 262 -1.98 23.01 -20.47
CA GLU A 262 -2.72 22.55 -21.65
C GLU A 262 -2.00 21.43 -22.41
N ASN A 263 -0.76 21.11 -22.04
CA ASN A 263 -0.04 20.03 -22.72
C ASN A 263 -0.67 18.68 -22.45
N LEU A 264 -1.13 18.44 -21.22
CA LEU A 264 -1.69 17.14 -20.86
C LEU A 264 -2.96 16.85 -21.64
N GLY A 265 -3.88 17.81 -21.69
CA GLY A 265 -5.10 17.62 -22.46
C GLY A 265 -4.84 17.43 -23.93
N LYS A 266 -3.82 18.12 -24.46
CA LYS A 266 -3.45 17.94 -25.86
C LYS A 266 -3.00 16.51 -26.13
N ALA A 267 -2.22 15.93 -25.21
CA ALA A 267 -1.80 14.54 -25.37
C ALA A 267 -2.96 13.58 -25.18
N ILE A 268 -3.86 13.88 -24.25
CA ILE A 268 -5.02 13.02 -24.03
C ILE A 268 -5.91 13.01 -25.27
N ARG A 269 -6.06 14.17 -25.91
CA ARG A 269 -6.88 14.27 -27.12
C ARG A 269 -6.15 13.85 -28.37
N GLY A 270 -4.92 13.37 -28.26
CA GLY A 270 -4.17 12.94 -29.43
C GLY A 270 -3.78 14.07 -30.36
N GLU A 271 -3.68 15.29 -29.86
CA GLU A 271 -3.24 16.42 -30.67
C GLU A 271 -1.71 16.45 -30.74
N LYS A 272 -1.17 17.39 -31.50
CA LYS A 272 0.27 17.50 -31.68
C LYS A 272 0.87 18.26 -30.50
N VAL A 273 1.71 17.58 -29.73
CA VAL A 273 2.37 18.19 -28.59
C VAL A 273 3.55 17.31 -28.19
N GLY A 274 4.67 17.94 -27.84
CA GLY A 274 5.83 17.21 -27.36
C GLY A 274 6.33 16.21 -28.37
N THR A 275 6.83 15.07 -27.86
CA THR A 275 7.28 13.96 -28.68
C THR A 275 6.23 12.86 -28.68
N ARG A 276 5.90 12.35 -29.86
CA ARG A 276 4.99 11.23 -29.99
C ARG A 276 5.75 10.01 -30.47
N LEU A 277 5.53 8.88 -29.79
CA LEU A 277 6.05 7.58 -30.19
C LEU A 277 4.82 6.72 -30.48
N ARG A 278 4.51 6.54 -31.77
CA ARG A 278 3.31 5.81 -32.15
C ARG A 278 3.46 4.33 -31.81
N LYS A 279 2.31 3.66 -31.72
CA LYS A 279 2.30 2.22 -31.45
C LYS A 279 3.01 1.46 -32.56
N LEU A 280 3.78 0.46 -32.18
CA LEU A 280 4.63 -0.24 -33.12
C LEU A 280 3.82 -1.16 -34.03
N GLU A 281 4.37 -1.40 -35.22
CA GLU A 281 3.81 -2.35 -36.18
C GLU A 281 4.83 -2.67 -37.26
N HIS B 20 6.67 -21.48 11.90
CA HIS B 20 6.87 -20.62 13.06
C HIS B 20 6.64 -19.16 12.72
N MET B 21 5.39 -18.73 12.82
CA MET B 21 5.00 -17.36 12.53
C MET B 21 3.82 -17.00 13.41
N ILE B 22 3.79 -15.76 13.88
CA ILE B 22 2.80 -15.30 14.86
C ILE B 22 2.16 -14.02 14.34
N ILE B 23 0.82 -14.00 14.34
CA ILE B 23 0.05 -12.80 13.98
C ILE B 23 -0.38 -12.11 15.27
N ILE B 24 -0.19 -10.79 15.34
CA ILE B 24 -0.53 -10.01 16.51
C ILE B 24 -1.45 -8.87 16.07
N LYS B 25 -2.64 -8.80 16.66
CA LYS B 25 -3.63 -7.79 16.33
C LYS B 25 -3.68 -6.77 17.46
N LEU B 26 -3.34 -5.53 17.15
CA LEU B 26 -3.45 -4.44 18.11
C LEU B 26 -4.85 -3.85 18.00
N GLY B 27 -5.58 -3.83 19.11
CA GLY B 27 -6.89 -3.21 19.12
C GLY B 27 -6.80 -1.72 18.81
N GLY B 28 -7.95 -1.16 18.42
CA GLY B 28 -8.01 0.27 18.14
C GLY B 28 -7.91 1.14 19.37
N SER B 29 -8.19 0.58 20.55
CA SER B 29 -8.19 1.35 21.78
C SER B 29 -6.88 1.27 22.54
N VAL B 30 -6.06 0.25 22.29
CA VAL B 30 -4.77 0.18 22.96
C VAL B 30 -3.75 1.13 22.32
N ILE B 31 -3.93 1.47 21.04
CA ILE B 31 -3.05 2.41 20.37
C ILE B 31 -3.59 3.83 20.37
N SER B 32 -4.81 4.03 20.87
CA SER B 32 -5.40 5.36 20.95
C SER B 32 -6.43 5.43 22.06
N PHE B 40 -2.91 8.89 20.13
CA PHE B 40 -1.83 7.92 19.92
C PHE B 40 -1.15 7.56 21.23
N HIS B 41 -0.99 6.27 21.49
CA HIS B 41 -0.39 5.75 22.71
C HIS B 41 0.99 5.20 22.35
N ARG B 42 1.96 6.11 22.26
CA ARG B 42 3.30 5.72 21.80
C ARG B 42 4.01 4.83 22.80
N HIS B 43 3.77 5.03 24.10
CA HIS B 43 4.46 4.23 25.12
C HIS B 43 4.09 2.76 25.00
N ILE B 44 2.81 2.46 24.76
CA ILE B 44 2.40 1.06 24.66
C ILE B 44 2.92 0.44 23.36
N VAL B 45 3.01 1.23 22.28
CA VAL B 45 3.60 0.71 21.05
C VAL B 45 5.08 0.42 21.26
N GLU B 46 5.77 1.27 22.05
CA GLU B 46 7.16 1.01 22.37
C GLU B 46 7.30 -0.27 23.19
N GLN B 47 6.33 -0.54 24.07
CA GLN B 47 6.38 -1.75 24.88
C GLN B 47 6.14 -2.99 24.04
N ILE B 48 5.23 -2.90 23.06
CA ILE B 48 5.00 -4.03 22.16
C ILE B 48 6.23 -4.30 21.32
N ALA B 49 6.90 -3.24 20.85
CA ALA B 49 8.11 -3.41 20.05
C ALA B 49 9.23 -4.06 20.86
N GLU B 50 9.40 -3.63 22.11
CA GLU B 50 10.45 -4.22 22.94
C GLU B 50 10.18 -5.69 23.22
N GLU B 51 8.91 -6.07 23.34
CA GLU B 51 8.57 -7.48 23.54
C GLU B 51 8.82 -8.29 22.27
N ILE B 52 8.49 -7.73 21.11
CA ILE B 52 8.74 -8.42 19.85
C ILE B 52 10.24 -8.56 19.61
N ALA B 53 11.03 -7.58 20.04
CA ALA B 53 12.48 -7.64 19.85
C ALA B 53 13.10 -8.83 20.57
N GLN B 54 12.42 -9.41 21.57
CA GLN B 54 12.92 -10.58 22.27
C GLN B 54 12.86 -11.85 21.44
N PHE B 55 12.19 -11.82 20.28
CA PHE B 55 12.03 -13.00 19.45
C PHE B 55 12.46 -12.76 18.00
N TYR B 56 12.64 -11.52 17.59
CA TYR B 56 13.17 -11.23 16.27
C TYR B 56 14.68 -11.49 16.25
N PRO B 57 15.20 -12.11 15.19
CA PRO B 57 14.48 -12.56 14.00
C PRO B 57 14.13 -14.04 14.00
N ASP B 58 14.38 -14.74 15.11
CA ASP B 58 14.09 -16.17 15.19
C ASP B 58 12.59 -16.44 15.33
N GLU B 59 11.78 -15.54 14.79
CA GLU B 59 10.33 -15.63 14.89
C GLU B 59 9.68 -14.68 13.90
N SER B 60 8.85 -15.20 12.99
CA SER B 60 8.16 -14.35 12.03
C SER B 60 6.94 -13.72 12.67
N PHE B 61 6.72 -12.44 12.35
CA PHE B 61 5.65 -11.68 12.98
C PHE B 61 4.90 -10.88 11.93
N ILE B 62 3.57 -10.93 11.99
CA ILE B 62 2.69 -10.06 11.21
C ILE B 62 1.87 -9.23 12.18
N LEU B 63 1.70 -7.95 11.87
CA LEU B 63 1.02 -7.00 12.73
C LEU B 63 -0.17 -6.40 12.01
N VAL B 64 -1.31 -6.34 12.71
CA VAL B 64 -2.51 -5.68 12.20
C VAL B 64 -3.04 -4.77 13.29
N HIS B 65 -3.41 -3.56 12.92
CA HIS B 65 -3.99 -2.60 13.86
C HIS B 65 -5.25 -1.99 13.25
N GLY B 66 -6.02 -1.32 14.10
CA GLY B 66 -7.26 -0.70 13.70
C GLY B 66 -7.21 0.81 13.73
N GLY B 67 -8.34 1.41 13.34
CA GLY B 67 -8.45 2.85 13.33
C GLY B 67 -8.56 3.43 14.73
N GLY B 68 -8.40 4.75 14.80
CA GLY B 68 -8.47 5.45 16.07
C GLY B 68 -8.91 6.90 15.94
N HIS B 72 -11.58 5.85 11.71
CA HIS B 72 -12.87 5.75 12.39
C HIS B 72 -13.76 6.99 12.23
N PRO B 73 -13.21 8.20 12.43
CA PRO B 73 -14.06 9.40 12.23
C PRO B 73 -14.54 9.55 10.79
N ASN B 74 -13.63 9.45 9.82
CA ASN B 74 -14.01 9.66 8.43
C ASN B 74 -14.90 8.54 7.90
N ALA B 75 -14.74 7.32 8.41
CA ALA B 75 -15.57 6.21 7.95
C ALA B 75 -17.03 6.41 8.34
N ARG B 76 -17.28 6.85 9.57
CA ARG B 76 -18.66 7.14 9.98
C ARG B 76 -19.17 8.41 9.31
N GLU B 77 -18.29 9.39 9.11
CA GLU B 77 -18.70 10.66 8.53
C GLU B 77 -19.15 10.49 7.08
N TYR B 78 -18.54 9.57 6.34
CA TYR B 78 -18.84 9.38 4.93
C TYR B 78 -19.71 8.15 4.67
N LYS B 79 -20.08 7.41 5.71
CA LYS B 79 -20.98 6.25 5.59
C LYS B 79 -20.42 5.22 4.61
N ILE B 80 -19.18 4.82 4.83
CA ILE B 80 -18.49 3.90 3.92
C ILE B 80 -19.19 2.55 3.88
N THR B 81 -19.66 2.08 5.03
CA THR B 81 -20.27 0.75 5.10
C THR B 81 -21.58 0.66 4.33
N GLU B 82 -22.17 1.81 3.97
CA GLU B 82 -23.39 1.78 3.16
C GLU B 82 -23.11 1.36 1.73
N GLY B 83 -21.89 1.58 1.25
CA GLY B 83 -21.53 1.25 -0.11
C GLY B 83 -21.59 2.44 -1.04
N LEU B 84 -21.47 2.13 -2.33
CA LEU B 84 -21.49 3.17 -3.37
C LEU B 84 -22.94 3.39 -3.79
N VAL B 85 -23.66 4.13 -2.96
CA VAL B 85 -25.07 4.43 -3.19
C VAL B 85 -25.35 5.85 -2.69
N GLY B 86 -26.34 6.50 -3.30
CA GLY B 86 -26.63 7.87 -2.95
C GLY B 86 -25.67 8.83 -3.61
N ASP B 87 -25.00 9.67 -2.81
CA ASP B 87 -23.98 10.59 -3.33
C ASP B 87 -22.69 9.80 -3.49
N VAL B 88 -22.53 9.19 -4.67
CA VAL B 88 -21.39 8.32 -4.89
C VAL B 88 -20.08 9.11 -4.98
N ASP B 89 -20.13 10.33 -5.52
CA ASP B 89 -18.91 11.12 -5.66
C ASP B 89 -18.35 11.50 -4.30
N ARG B 90 -19.22 11.88 -3.37
CA ARG B 90 -18.75 12.19 -2.02
C ARG B 90 -18.21 10.96 -1.33
N LYS B 91 -18.81 9.79 -1.57
CA LYS B 91 -18.35 8.56 -0.93
C LYS B 91 -16.98 8.16 -1.44
N ARG B 92 -16.70 8.39 -2.73
CA ARG B 92 -15.37 8.09 -3.26
C ARG B 92 -14.31 9.01 -2.67
N ILE B 93 -14.65 10.27 -2.44
CA ILE B 93 -13.71 11.20 -1.83
C ILE B 93 -13.43 10.81 -0.39
N GLY B 94 -14.49 10.51 0.38
CA GLY B 94 -14.30 10.08 1.75
C GLY B 94 -13.63 8.73 1.87
N PHE B 95 -13.85 7.86 0.88
CA PHE B 95 -13.13 6.59 0.82
C PHE B 95 -11.62 6.83 0.80
N SER B 96 -11.17 7.75 -0.05
CA SER B 96 -9.74 8.06 -0.14
C SER B 96 -9.26 8.79 1.10
N LYS B 97 -10.06 9.73 1.61
CA LYS B 97 -9.66 10.48 2.81
C LYS B 97 -9.49 9.54 3.99
N THR B 98 -10.39 8.58 4.16
CA THR B 98 -10.26 7.63 5.26
C THR B 98 -9.02 6.76 5.09
N HIS B 99 -8.70 6.37 3.86
CA HIS B 99 -7.47 5.61 3.63
C HIS B 99 -6.23 6.43 3.97
N GLN B 100 -6.23 7.71 3.58
CA GLN B 100 -5.08 8.57 3.87
C GLN B 100 -4.88 8.73 5.38
N ALA B 101 -5.97 8.87 6.13
CA ALA B 101 -5.85 8.94 7.58
C ALA B 101 -5.30 7.65 8.15
N MET B 102 -5.77 6.50 7.66
CA MET B 102 -5.25 5.21 8.11
C MET B 102 -3.75 5.11 7.86
N LEU B 103 -3.28 5.65 6.73
CA LEU B 103 -1.86 5.62 6.42
C LEU B 103 -1.06 6.50 7.37
N LYS B 104 -1.66 7.60 7.84
CA LYS B 104 -0.96 8.47 8.78
C LYS B 104 -0.77 7.81 10.14
N LEU B 105 -1.82 7.15 10.64
CA LEU B 105 -1.67 6.42 11.90
C LEU B 105 -0.73 5.24 11.75
N ASN B 106 -0.85 4.52 10.62
CA ASN B 106 0.08 3.42 10.34
C ASN B 106 1.53 3.92 10.34
N ASP B 107 1.76 5.12 9.83
CA ASP B 107 3.11 5.68 9.85
C ASP B 107 3.59 5.93 11.27
N LEU B 108 2.69 6.41 12.15
CA LEU B 108 3.05 6.62 13.54
C LEU B 108 3.53 5.32 14.18
N ILE B 109 2.78 4.23 13.95
CA ILE B 109 3.19 2.93 14.49
C ILE B 109 4.51 2.47 13.85
N ILE B 110 4.63 2.62 12.53
CA ILE B 110 5.81 2.14 11.83
C ILE B 110 7.05 2.86 12.33
N GLN B 111 6.98 4.19 12.45
CA GLN B 111 8.14 4.95 12.91
C GLN B 111 8.55 4.53 14.31
N THR B 112 7.58 4.35 15.21
CA THR B 112 7.88 3.89 16.56
C THR B 112 8.63 2.56 16.53
N PHE B 113 8.16 1.62 15.72
CA PHE B 113 8.85 0.35 15.57
C PHE B 113 10.25 0.53 15.01
N LEU B 114 10.42 1.50 14.11
CA LEU B 114 11.71 1.69 13.44
C LEU B 114 12.77 2.20 14.41
N GLU B 115 12.42 3.18 15.26
CA GLU B 115 13.41 3.67 16.21
C GLU B 115 13.72 2.65 17.31
N LYS B 116 12.92 1.59 17.43
CA LYS B 116 13.21 0.51 18.36
C LYS B 116 14.04 -0.60 17.73
N GLY B 117 14.51 -0.41 16.49
CA GLY B 117 15.39 -1.35 15.83
C GLY B 117 14.70 -2.41 15.00
N LEU B 118 13.37 -2.44 14.97
CA LEU B 118 12.65 -3.49 14.27
C LEU B 118 12.28 -3.04 12.87
N PRO B 119 12.55 -3.85 11.84
CA PRO B 119 12.22 -3.46 10.46
C PRO B 119 10.75 -3.69 10.12
N ALA B 120 9.90 -2.87 10.72
CA ALA B 120 8.48 -2.89 10.36
C ALA B 120 8.29 -2.29 8.98
N TYR B 121 7.50 -2.95 8.15
CA TYR B 121 7.26 -2.49 6.78
C TYR B 121 5.75 -2.43 6.54
N SER B 122 5.27 -1.27 6.12
CA SER B 122 3.84 -1.03 5.96
C SER B 122 3.31 -1.71 4.69
N VAL B 123 2.19 -2.41 4.83
CA VAL B 123 1.51 -3.06 3.72
C VAL B 123 0.08 -2.53 3.68
N SER B 124 -0.32 -2.00 2.54
CA SER B 124 -1.64 -1.40 2.38
C SER B 124 -2.69 -2.49 2.17
N SER B 125 -3.67 -2.56 3.08
CA SER B 125 -4.65 -3.64 3.04
C SER B 125 -5.52 -3.56 1.79
N SER B 126 -6.01 -2.36 1.46
CA SER B 126 -6.86 -2.20 0.28
C SER B 126 -6.10 -2.36 -1.02
N SER B 127 -4.79 -2.58 -0.98
CA SER B 127 -4.03 -2.87 -2.19
C SER B 127 -4.02 -4.36 -2.52
N ILE B 128 -4.26 -5.21 -1.54
CA ILE B 128 -4.12 -6.65 -1.72
C ILE B 128 -5.38 -7.45 -1.45
N PHE B 129 -6.46 -6.82 -0.96
CA PHE B 129 -7.66 -7.54 -0.53
C PHE B 129 -8.90 -7.00 -1.22
N LEU B 130 -9.84 -7.90 -1.50
CA LEU B 130 -11.16 -7.56 -2.02
C LEU B 130 -12.23 -8.20 -1.14
N LEU B 131 -13.29 -7.45 -0.85
CA LEU B 131 -14.31 -7.88 0.10
C LEU B 131 -15.58 -8.36 -0.59
N GLU B 132 -16.31 -9.22 0.11
CA GLU B 132 -17.71 -9.51 -0.19
C GLU B 132 -18.38 -9.90 1.12
N ASN B 133 -19.43 -9.17 1.50
CA ASN B 133 -20.10 -9.35 2.78
C ASN B 133 -19.10 -9.24 3.93
N LYS B 134 -18.33 -8.14 3.91
CA LYS B 134 -17.38 -7.78 4.95
C LYS B 134 -16.22 -8.77 5.08
N GLU B 135 -16.22 -9.83 4.27
CA GLU B 135 -15.19 -10.85 4.33
C GLU B 135 -14.26 -10.76 3.12
N VAL B 136 -13.00 -11.09 3.34
CA VAL B 136 -12.03 -11.11 2.24
C VAL B 136 -12.32 -12.34 1.38
N VAL B 137 -12.65 -12.11 0.12
CA VAL B 137 -12.86 -13.18 -0.85
C VAL B 137 -11.82 -13.18 -1.96
N TYR B 138 -10.88 -12.23 -1.94
CA TYR B 138 -9.77 -12.20 -2.88
C TYR B 138 -8.58 -11.57 -2.16
N GLY B 139 -7.41 -12.18 -2.29
CA GLY B 139 -6.24 -11.71 -1.57
C GLY B 139 -4.97 -11.98 -2.34
N GLU B 140 -3.96 -11.15 -2.09
CA GLU B 140 -2.62 -11.30 -2.64
C GLU B 140 -1.65 -11.40 -1.47
N LEU B 141 -0.95 -12.52 -1.37
CA LEU B 141 -0.14 -12.81 -0.20
C LEU B 141 1.32 -13.10 -0.50
N GLU B 142 1.76 -13.00 -1.76
CA GLU B 142 3.14 -13.33 -2.07
C GLU B 142 4.11 -12.30 -1.52
N ILE B 143 3.71 -11.03 -1.51
CA ILE B 143 4.58 -9.99 -0.97
C ILE B 143 4.73 -10.14 0.53
N LEU B 144 3.63 -10.45 1.23
CA LEU B 144 3.72 -10.71 2.66
C LEU B 144 4.65 -11.88 2.95
N ARG B 145 4.55 -12.95 2.16
CA ARG B 145 5.46 -14.09 2.31
C ARG B 145 6.90 -13.66 2.12
N LYS B 146 7.18 -12.90 1.07
CA LYS B 146 8.55 -12.47 0.79
C LYS B 146 9.05 -11.53 1.87
N LEU B 147 8.18 -10.67 2.40
CA LEU B 147 8.59 -9.78 3.50
C LEU B 147 9.01 -10.59 4.72
N LEU B 148 8.22 -11.60 5.08
CA LEU B 148 8.58 -12.44 6.22
C LEU B 148 9.85 -13.23 5.94
N GLU B 149 10.02 -13.72 4.70
CA GLU B 149 11.19 -14.52 4.37
C GLU B 149 12.48 -13.73 4.48
N LEU B 150 12.44 -12.43 4.18
CA LEU B 150 13.60 -11.57 4.29
C LEU B 150 13.71 -10.88 5.65
N LYS B 151 13.13 -11.48 6.69
CA LYS B 151 13.24 -11.00 8.08
C LYS B 151 12.65 -9.59 8.25
N PHE B 152 11.61 -9.27 7.49
CA PHE B 152 10.85 -8.05 7.69
C PHE B 152 9.63 -8.33 8.56
N ILE B 153 9.08 -7.28 9.15
CA ILE B 153 7.89 -7.37 9.96
C ILE B 153 6.77 -6.59 9.28
N PRO B 154 5.92 -7.25 8.51
CA PRO B 154 4.84 -6.54 7.82
C PRO B 154 3.78 -6.05 8.79
N VAL B 155 3.27 -4.85 8.54
CA VAL B 155 2.28 -4.20 9.39
C VAL B 155 1.11 -3.79 8.50
N LEU B 156 0.01 -4.51 8.60
CA LEU B 156 -1.23 -4.15 7.93
C LEU B 156 -2.16 -3.43 8.91
N PHE B 157 -3.25 -2.91 8.38
CA PHE B 157 -4.23 -2.21 9.20
C PHE B 157 -5.64 -2.45 8.68
N GLY B 158 -6.60 -2.39 9.60
CA GLY B 158 -7.97 -2.24 9.18
C GLY B 158 -8.11 -1.04 8.27
N ASP B 159 -8.85 -1.21 7.19
CA ASP B 159 -8.79 -0.26 6.10
C ASP B 159 -10.15 -0.16 5.41
N THR B 160 -10.31 0.93 4.66
CA THR B 160 -11.27 0.94 3.58
C THR B 160 -10.88 -0.10 2.55
N ALA B 161 -11.85 -0.63 1.82
CA ALA B 161 -11.56 -1.69 0.88
C ALA B 161 -12.65 -1.79 -0.17
N ILE B 162 -12.25 -2.19 -1.38
CA ILE B 162 -13.21 -2.42 -2.46
C ILE B 162 -14.01 -3.67 -2.16
N ALA B 163 -15.33 -3.59 -2.33
CA ALA B 163 -16.23 -4.68 -2.06
C ALA B 163 -16.93 -5.10 -3.35
N LEU B 164 -16.91 -6.40 -3.64
CA LEU B 164 -17.51 -6.90 -4.89
C LEU B 164 -19.03 -6.72 -4.88
N ASP B 165 -19.66 -6.84 -3.72
CA ASP B 165 -21.11 -6.73 -3.61
C ASP B 165 -21.58 -5.29 -3.51
N LYS B 166 -20.76 -4.39 -2.95
CA LYS B 166 -21.22 -3.10 -2.50
C LYS B 166 -20.41 -1.93 -3.03
N GLY B 167 -19.40 -2.16 -3.85
CA GLY B 167 -18.53 -1.10 -4.31
C GLY B 167 -17.46 -0.76 -3.29
N ILE B 168 -17.84 -0.13 -2.19
CA ILE B 168 -16.91 0.22 -1.12
C ILE B 168 -17.44 -0.31 0.20
N ASP B 169 -16.52 -0.63 1.10
CA ASP B 169 -16.85 -1.15 2.41
C ASP B 169 -15.67 -0.91 3.34
N ILE B 170 -15.87 -1.21 4.62
CA ILE B 170 -14.83 -1.10 5.62
C ILE B 170 -14.34 -2.50 5.96
N LEU B 171 -13.06 -2.76 5.69
CA LEU B 171 -12.43 -4.03 6.02
C LEU B 171 -11.83 -3.92 7.41
N SER B 172 -12.38 -4.69 8.35
CA SER B 172 -11.92 -4.61 9.73
C SER B 172 -10.66 -5.45 9.93
N GLY B 173 -9.95 -5.17 11.02
CA GLY B 173 -8.74 -5.92 11.32
C GLY B 173 -9.00 -7.38 11.60
N ASP B 174 -10.15 -7.70 12.17
CA ASP B 174 -10.49 -9.10 12.46
C ASP B 174 -10.64 -9.91 11.18
N GLN B 175 -11.15 -9.28 10.11
CA GLN B 175 -11.33 -10.00 8.86
C GLN B 175 -9.99 -10.27 8.18
N ILE B 176 -9.08 -9.29 8.21
CA ILE B 176 -7.74 -9.51 7.68
C ILE B 176 -7.07 -10.66 8.42
N VAL B 177 -7.14 -10.64 9.75
CA VAL B 177 -6.51 -11.68 10.55
C VAL B 177 -7.10 -13.04 10.26
N SER B 178 -8.41 -13.11 10.05
CA SER B 178 -9.05 -14.37 9.71
C SER B 178 -8.56 -14.89 8.37
N TYR B 179 -8.53 -14.02 7.36
CA TYR B 179 -8.06 -14.44 6.04
C TYR B 179 -6.60 -14.87 6.08
N LEU B 180 -5.76 -14.10 6.78
CA LEU B 180 -4.36 -14.46 6.90
C LEU B 180 -4.18 -15.79 7.64
N ALA B 181 -5.00 -16.02 8.68
CA ALA B 181 -4.90 -17.26 9.43
C ALA B 181 -5.24 -18.47 8.56
N LYS B 182 -6.26 -18.35 7.73
CA LYS B 182 -6.64 -19.47 6.87
C LYS B 182 -5.55 -19.78 5.85
N MET B 183 -4.89 -18.75 5.34
CA MET B 183 -3.98 -18.90 4.22
C MET B 183 -2.54 -19.19 4.66
N LEU B 184 -2.04 -18.42 5.64
CA LEU B 184 -0.66 -18.55 6.08
C LEU B 184 -0.49 -19.49 7.26
N LYS B 185 -1.58 -19.85 7.95
CA LYS B 185 -1.59 -20.80 9.06
C LYS B 185 -0.50 -20.46 10.07
N PRO B 186 -0.62 -19.36 10.81
CA PRO B 186 0.38 -19.05 11.83
C PRO B 186 0.28 -20.00 13.01
N SER B 187 1.35 -20.03 13.81
CA SER B 187 1.34 -20.88 15.00
C SER B 187 0.35 -20.37 16.02
N LYS B 188 0.14 -19.06 16.12
CA LYS B 188 -0.86 -18.51 17.01
C LYS B 188 -1.20 -17.09 16.60
N VAL B 189 -2.38 -16.65 17.04
CA VAL B 189 -2.89 -15.31 16.79
C VAL B 189 -3.16 -14.67 18.15
N ILE B 190 -2.63 -13.47 18.35
CA ILE B 190 -2.67 -12.80 19.65
C ILE B 190 -3.45 -11.49 19.50
N PHE B 191 -4.55 -11.38 20.24
CA PHE B 191 -5.36 -10.17 20.28
C PHE B 191 -4.96 -9.34 21.48
N LEU B 192 -4.56 -8.10 21.25
CA LEU B 192 -4.27 -7.16 22.34
C LEU B 192 -5.50 -6.29 22.58
N MET B 193 -6.07 -6.41 23.76
CA MET B 193 -7.30 -5.71 24.13
C MET B 193 -7.07 -4.81 25.34
N ASP B 194 -8.14 -4.15 25.77
CA ASP B 194 -8.07 -3.29 26.94
C ASP B 194 -8.20 -4.08 28.23
N VAL B 195 -8.96 -5.17 28.23
CA VAL B 195 -9.17 -5.99 29.42
C VAL B 195 -8.21 -7.17 29.39
N ASP B 196 -8.24 -7.99 30.44
CA ASP B 196 -7.31 -9.11 30.54
C ASP B 196 -7.69 -10.30 29.67
N GLY B 197 -8.85 -10.27 29.03
CA GLY B 197 -9.23 -11.35 28.14
C GLY B 197 -10.74 -11.44 28.03
N ILE B 198 -11.21 -12.64 27.71
CA ILE B 198 -12.63 -12.91 27.54
C ILE B 198 -13.22 -13.27 28.89
N TYR B 199 -14.16 -12.47 29.36
CA TYR B 199 -14.69 -12.59 30.71
C TYR B 199 -16.03 -13.34 30.72
N ASP B 200 -16.43 -13.74 31.92
CA ASP B 200 -17.69 -14.45 32.14
C ASP B 200 -18.89 -13.55 31.84
N ARG B 201 -19.05 -12.49 32.64
CA ARG B 201 -20.10 -11.52 32.42
C ARG B 201 -19.55 -10.37 31.59
N ASN B 202 -20.06 -9.17 31.80
CA ASN B 202 -19.41 -8.00 31.24
C ASN B 202 -18.13 -7.72 32.03
N PRO B 203 -17.04 -7.33 31.36
CA PRO B 203 -15.80 -7.07 32.12
C PRO B 203 -15.96 -5.99 33.17
N LYS B 204 -16.44 -4.81 32.78
CA LYS B 204 -16.67 -3.71 33.73
C LYS B 204 -18.06 -3.83 34.35
N GLU B 205 -18.25 -4.92 35.09
CA GLU B 205 -19.51 -5.18 35.77
C GLU B 205 -19.23 -5.36 37.25
N ARG B 206 -19.25 -6.58 37.77
CA ARG B 206 -19.05 -6.80 39.20
C ARG B 206 -18.46 -8.18 39.47
N ASP B 207 -19.24 -9.22 39.22
CA ASP B 207 -18.81 -10.60 39.47
C ASP B 207 -18.43 -11.32 38.18
N ALA B 208 -17.55 -10.70 37.40
CA ALA B 208 -17.10 -11.26 36.13
C ALA B 208 -15.80 -12.03 36.33
N LYS B 209 -15.79 -13.28 35.91
CA LYS B 209 -14.60 -14.13 35.99
C LYS B 209 -13.92 -14.23 34.63
N LEU B 210 -12.61 -14.36 34.64
CA LEU B 210 -11.83 -14.48 33.42
C LEU B 210 -11.77 -15.94 32.99
N ILE B 211 -12.15 -16.20 31.73
CA ILE B 211 -12.08 -17.54 31.18
C ILE B 211 -10.66 -17.80 30.70
N GLU B 212 -9.83 -18.36 31.57
CA GLU B 212 -8.42 -18.58 31.24
C GLU B 212 -8.25 -19.60 30.12
N GLU B 213 -9.19 -20.54 29.99
CA GLU B 213 -9.16 -21.55 28.94
C GLU B 213 -10.51 -21.53 28.22
N LEU B 214 -10.53 -20.92 27.05
CA LEU B 214 -11.75 -20.77 26.27
C LEU B 214 -11.95 -21.95 25.34
N ASN B 215 -13.12 -22.57 25.40
CA ASN B 215 -13.52 -23.61 24.46
C ASN B 215 -14.68 -23.12 23.61
N VAL B 216 -14.97 -23.87 22.54
CA VAL B 216 -15.91 -23.38 21.54
C VAL B 216 -17.33 -23.32 22.10
N GLU B 217 -17.70 -24.24 23.00
CA GLU B 217 -19.05 -24.21 23.55
C GLU B 217 -19.24 -23.01 24.45
N GLU B 218 -18.18 -22.62 25.17
CA GLU B 218 -18.24 -21.38 25.96
C GLU B 218 -18.43 -20.17 25.07
N ILE B 219 -17.80 -20.18 23.89
CA ILE B 219 -17.98 -19.10 22.93
C ILE B 219 -19.42 -19.04 22.45
N ARG B 220 -20.01 -20.20 22.14
CA ARG B 220 -21.40 -20.24 21.73
C ARG B 220 -22.34 -19.90 22.89
N HIS B 221 -21.95 -20.25 24.11
CA HIS B 221 -22.69 -19.82 25.29
C HIS B 221 -22.78 -18.30 25.36
N LEU B 222 -21.67 -17.62 25.04
CA LEU B 222 -21.62 -16.17 25.19
C LEU B 222 -22.31 -15.44 24.05
N LEU B 223 -22.29 -16.01 22.84
CA LEU B 223 -22.84 -15.29 21.69
C LEU B 223 -24.36 -15.26 21.70
N GLU B 224 -25.02 -16.10 22.51
CA GLU B 224 -26.48 -16.11 22.52
C GLU B 224 -27.06 -14.99 23.37
N SER B 225 -26.47 -14.73 24.53
CA SER B 225 -26.97 -13.71 25.43
C SER B 225 -26.83 -12.31 24.83
N ILE B 237 -16.32 -7.85 21.70
CA ILE B 237 -17.47 -7.83 20.81
C ILE B 237 -17.64 -9.21 20.16
N GLY B 238 -18.88 -9.58 19.87
CA GLY B 238 -19.16 -10.88 19.28
C GLY B 238 -18.56 -11.07 17.91
N ASN B 239 -18.29 -9.98 17.18
CA ASN B 239 -17.71 -10.10 15.85
C ASN B 239 -16.35 -10.78 15.90
N LYS B 240 -15.44 -10.28 16.74
CA LYS B 240 -14.13 -10.90 16.85
C LYS B 240 -14.18 -12.23 17.57
N LEU B 241 -15.23 -12.50 18.35
CA LEU B 241 -15.40 -13.83 18.93
C LEU B 241 -15.79 -14.85 17.86
N ARG B 242 -16.59 -14.43 16.88
CA ARG B 242 -16.87 -15.30 15.74
C ARG B 242 -15.62 -15.52 14.90
N GLU B 243 -14.88 -14.45 14.62
CA GLU B 243 -13.61 -14.60 13.90
C GLU B 243 -12.65 -15.51 14.65
N ALA B 244 -12.64 -15.42 15.99
CA ALA B 244 -11.80 -16.29 16.79
C ALA B 244 -12.19 -17.75 16.60
N LEU B 245 -13.50 -18.03 16.51
CA LEU B 245 -13.95 -19.39 16.28
C LEU B 245 -13.47 -19.92 14.94
N LYS B 246 -13.43 -19.04 13.93
CA LYS B 246 -12.90 -19.43 12.62
C LYS B 246 -11.40 -19.64 12.68
N ILE B 247 -10.68 -18.70 13.32
CA ILE B 247 -9.22 -18.76 13.36
C ILE B 247 -8.75 -19.99 14.13
N ALA B 248 -9.47 -20.36 15.19
CA ALA B 248 -9.08 -21.50 16.02
C ALA B 248 -8.98 -22.79 15.21
N LYS B 249 -9.69 -22.90 14.09
CA LYS B 249 -9.55 -24.05 13.22
C LYS B 249 -8.15 -24.18 12.65
N HIS B 250 -7.38 -23.08 12.64
CA HIS B 250 -6.05 -23.06 12.05
C HIS B 250 -4.93 -22.77 13.05
N SER B 251 -5.18 -21.92 14.04
CA SER B 251 -4.11 -21.49 14.93
C SER B 251 -4.64 -21.33 16.35
N GLU B 252 -3.71 -21.39 17.30
CA GLU B 252 -4.03 -21.05 18.68
C GLU B 252 -4.33 -19.56 18.79
N VAL B 253 -5.26 -19.21 19.68
CA VAL B 253 -5.68 -17.83 19.85
C VAL B 253 -5.45 -17.42 21.30
N TYR B 254 -4.92 -16.20 21.48
CA TYR B 254 -4.76 -15.59 22.79
C TYR B 254 -5.50 -14.27 22.83
N PHE B 255 -6.18 -14.01 23.94
CA PHE B 255 -6.75 -12.72 24.25
C PHE B 255 -6.06 -12.20 25.51
N ILE B 256 -5.33 -11.09 25.38
CA ILE B 256 -4.51 -10.58 26.48
C ILE B 256 -4.66 -9.06 26.56
N ASN B 257 -4.18 -8.51 27.66
CA ASN B 257 -4.23 -7.07 27.91
C ASN B 257 -2.95 -6.45 27.35
N GLY B 258 -3.10 -5.72 26.24
CA GLY B 258 -1.97 -5.11 25.58
C GLY B 258 -1.34 -3.96 26.34
N LYS B 259 -1.93 -3.55 27.46
CA LYS B 259 -1.38 -2.46 28.26
C LYS B 259 -0.31 -2.92 29.23
N VAL B 260 -0.24 -4.21 29.53
CA VAL B 260 0.80 -4.78 30.38
C VAL B 260 1.87 -5.37 29.48
N LYS B 261 3.09 -4.84 29.59
CA LYS B 261 4.14 -5.13 28.62
C LYS B 261 4.42 -6.63 28.53
N GLU B 262 4.56 -7.30 29.68
CA GLU B 262 5.02 -8.67 29.71
C GLU B 262 4.00 -9.67 29.16
N ASN B 263 2.75 -9.25 28.94
CA ASN B 263 1.73 -10.19 28.48
C ASN B 263 2.04 -10.71 27.09
N LEU B 264 2.51 -9.83 26.20
CA LEU B 264 2.80 -10.25 24.83
C LEU B 264 3.85 -11.35 24.80
N GLY B 265 4.92 -11.20 25.57
CA GLY B 265 5.92 -12.25 25.63
C GLY B 265 5.40 -13.53 26.24
N LYS B 266 4.54 -13.41 27.26
CA LYS B 266 3.95 -14.60 27.88
C LYS B 266 3.10 -15.36 26.88
N ALA B 267 2.36 -14.65 26.02
CA ALA B 267 1.53 -15.32 25.02
C ALA B 267 2.37 -15.90 23.90
N ILE B 268 3.41 -15.19 23.47
CA ILE B 268 4.27 -15.70 22.41
C ILE B 268 4.97 -16.97 22.85
N ARG B 269 5.44 -17.01 24.10
CA ARG B 269 6.15 -18.17 24.61
C ARG B 269 5.21 -19.31 25.01
N GLY B 270 3.91 -19.07 25.09
CA GLY B 270 2.95 -20.10 25.44
C GLY B 270 2.62 -20.22 26.90
N GLU B 271 3.09 -19.30 27.73
CA GLU B 271 2.82 -19.37 29.17
C GLU B 271 1.37 -18.96 29.44
N LYS B 272 0.97 -19.12 30.70
CA LYS B 272 -0.38 -18.75 31.12
C LYS B 272 -0.51 -17.24 31.18
N VAL B 273 -1.46 -16.70 30.42
CA VAL B 273 -1.75 -15.27 30.41
C VAL B 273 -3.08 -15.05 29.72
N GLY B 274 -3.95 -14.24 30.34
CA GLY B 274 -5.22 -13.90 29.74
C GLY B 274 -6.06 -15.11 29.40
N THR B 275 -6.68 -15.06 28.23
CA THR B 275 -7.55 -16.13 27.74
C THR B 275 -6.88 -16.83 26.56
N ARG B 276 -6.90 -18.16 26.57
CA ARG B 276 -6.29 -18.95 25.51
C ARG B 276 -7.32 -19.92 24.94
N LEU B 277 -7.48 -19.86 23.61
CA LEU B 277 -8.36 -20.77 22.87
C LEU B 277 -7.46 -21.67 22.03
N ARG B 278 -7.33 -22.93 22.43
CA ARG B 278 -6.44 -23.86 21.75
C ARG B 278 -6.94 -24.15 20.34
N LYS B 279 -6.03 -24.66 19.51
CA LYS B 279 -6.38 -25.07 18.16
C LYS B 279 -7.35 -26.24 18.22
N LEU B 280 -8.36 -26.20 17.36
CA LEU B 280 -9.38 -27.23 17.34
C LEU B 280 -8.80 -28.56 16.84
N GLU B 281 -9.54 -29.63 17.09
CA GLU B 281 -9.12 -30.96 16.67
C GLU B 281 -10.25 -31.71 15.97
PB ADP C . 12.87 10.91 -13.95
O1B ADP C . 13.87 9.83 -13.65
O2B ADP C . 11.67 10.46 -14.74
O3B ADP C . 12.53 11.79 -12.76
PA ADP C . 14.57 11.39 -16.14
O1A ADP C . 15.81 10.74 -15.56
O2A ADP C . 13.72 10.63 -17.12
O3A ADP C . 13.65 11.92 -14.93
O5' ADP C . 15.03 12.76 -16.85
C5' ADP C . 15.56 12.73 -18.17
C4' ADP C . 16.52 13.90 -18.36
O4' ADP C . 17.47 13.60 -19.37
C3' ADP C . 15.79 15.15 -18.80
O3' ADP C . 15.62 16.06 -17.70
C2' ADP C . 16.68 15.77 -19.85
O2' ADP C . 17.23 17.00 -19.36
C1' ADP C . 17.80 14.77 -20.09
N9 ADP C . 17.99 14.45 -21.54
C8 ADP C . 19.17 14.07 -22.07
N7 ADP C . 19.07 13.84 -23.40
C5 ADP C . 17.79 14.08 -23.76
C6 ADP C . 17.02 14.02 -25.02
N6 ADP C . 17.61 13.66 -26.19
N1 ADP C . 15.71 14.35 -24.97
C2 ADP C . 15.11 14.70 -23.82
N3 ADP C . 15.76 14.78 -22.64
C4 ADP C . 17.08 14.49 -22.53
C10 U69 D . 12.95 6.51 -8.58
C13 U69 D . 11.30 5.92 -4.98
C15 U69 D . 13.60 6.24 -4.08
C11 U69 D . 11.93 6.21 -7.43
C12 U69 D . 12.24 6.21 -6.13
C14 U69 D . 12.16 5.84 -3.69
C16 U69 D . 13.61 6.50 -5.61
O23 U69 D . 11.36 7.08 -12.12
O7 U69 D . 9.92 6.92 -10.01
O8 U69 D . 11.72 8.74 -10.21
O9 U69 D . 12.46 6.25 -9.82
P2 U69 D . 11.23 7.37 -10.63
C10 U69 E . -10.69 -0.99 11.60
C13 U69 E . -12.53 2.43 10.67
C15 U69 E . -10.75 2.71 8.93
C11 U69 E . -11.68 0.21 11.58
C12 U69 E . -11.59 1.25 10.73
C14 U69 E . -11.99 3.38 9.56
C16 U69 E . -10.51 1.39 9.70
O23 U69 E . -11.72 -4.05 13.86
O7 U69 E . -9.32 -3.30 13.42
O8 U69 E . -10.94 -1.73 14.62
O9 U69 E . -11.25 -2.15 12.05
P2 U69 E . -10.75 -2.90 13.67
PB ADP F . -10.98 -3.95 18.26
O1B ADP F . -10.51 -2.53 18.50
O2B ADP F . -12.15 -4.05 17.31
O3B ADP F . -9.88 -4.94 18.00
PA ADP F . -13.10 -4.08 20.12
O1A ADP F . -13.28 -2.58 20.11
O2A ADP F . -14.00 -4.95 19.27
O3A ADP F . -11.58 -4.39 19.69
O5' ADP F . -13.19 -4.59 21.64
C5' ADP F . -14.36 -5.27 22.11
C4' ADP F . -14.78 -4.74 23.48
O4' ADP F . -15.92 -5.46 23.99
C3' ADP F . -13.68 -4.88 24.52
O3' ADP F . -13.07 -3.61 24.77
C2' ADP F . -14.37 -5.36 25.78
O2' ADP F . -14.23 -4.40 26.83
C1' ADP F . -15.85 -5.52 25.42
N9 ADP F . -16.48 -6.78 25.93
C8 ADP F . -17.81 -6.97 25.96
N7 ADP F . -18.13 -8.18 26.47
C5 ADP F . -16.99 -8.80 26.80
C6 ADP F . -16.62 -10.11 27.38
N6 ADP F . -17.57 -11.01 27.73
N1 ADP F . -15.31 -10.38 27.56
C2 ADP F . -14.36 -9.49 27.22
N3 ADP F . -14.62 -8.29 26.68
C4 ADP F . -15.89 -7.88 26.45
#